data_7H2D
#
_entry.id   7H2D
#
_cell.length_a   42.741
_cell.length_b   42.741
_cell.length_c   216.878
_cell.angle_alpha   90.00
_cell.angle_beta   90.00
_cell.angle_gamma   90.00
#
_symmetry.space_group_name_H-M   'P 43 2 2'
#
loop_
_entity.id
_entity.type
_entity.pdbx_description
1 polymer 'Serine protease subunit NS2B'
2 polymer 'Serine protease NS3'
3 non-polymer 'DIMETHYL SULFOXIDE'
4 non-polymer 2-cyclopropyl-1~{H}-imidazole-4-carboxamide
5 water water
#
loop_
_entity_poly.entity_id
_entity_poly.type
_entity_poly.pdbx_seq_one_letter_code
_entity_poly.pdbx_strand_id
1 'polypeptide(L)' SMGKSVDMYIERAGDITWEKDAEVTGNSPRLDVALDESGDFSLVEE A
2 'polypeptide(L)'
;MKEVKKGETTDGVYRVMTRRLLGSTQVGVGVMQEGVFHTMWHVTKGAALRSGEGRLDPYWGDVKQDLVSYCGPWKLDAAW
DGLSEVQLLAVPPGERAKNIQTLPGIFKTKDGDIGAVALDYPAGTSGSPILDKCGRVIGLYGNGVVIKNGSYVSAITQGK
REEETPVE
;
B
#
loop_
_chem_comp.id
_chem_comp.type
_chem_comp.name
_chem_comp.formula
DMS non-polymer 'DIMETHYL SULFOXIDE' 'C2 H6 O S'
GWP non-polymer 2-cyclopropyl-1~{H}-imidazole-4-carboxamide 'C7 H9 N3 O'
#
# COMPACT_ATOMS: atom_id res chain seq x y z
N ASP A 7 0.79 -7.00 -20.42
CA ASP A 7 0.21 -7.74 -19.30
C ASP A 7 1.05 -7.66 -18.01
N MET A 8 0.40 -7.30 -16.91
CA MET A 8 1.05 -7.21 -15.61
C MET A 8 1.07 -8.57 -14.93
N TYR A 9 2.12 -8.84 -14.14
CA TYR A 9 2.26 -10.11 -13.45
C TYR A 9 2.76 -9.93 -12.03
N ILE A 10 2.48 -10.89 -11.16
CA ILE A 10 2.91 -10.80 -9.75
C ILE A 10 4.02 -11.85 -9.42
N GLU A 11 4.92 -11.48 -8.50
CA GLU A 11 6.02 -12.36 -8.07
C GLU A 11 6.09 -12.28 -6.57
N ARG A 12 6.10 -13.43 -5.87
CA ARG A 12 6.17 -13.39 -4.41
C ARG A 12 7.44 -12.68 -3.92
N ALA A 13 7.32 -11.83 -2.91
CA ALA A 13 8.47 -11.10 -2.33
C ALA A 13 8.73 -11.43 -0.84
N GLY A 14 7.80 -12.10 -0.17
CA GLY A 14 8.01 -12.49 1.21
C GLY A 14 6.75 -12.69 2.04
N ASP A 15 6.94 -13.02 3.32
CA ASP A 15 5.88 -13.21 4.30
C ASP A 15 5.57 -11.85 4.90
N ILE A 16 4.35 -11.67 5.42
CA ILE A 16 3.99 -10.43 6.09
C ILE A 16 4.13 -10.69 7.59
N THR A 17 5.21 -10.18 8.21
CA THR A 17 5.55 -10.44 9.60
C THR A 17 6.22 -9.21 10.23
N TRP A 18 5.94 -8.96 11.51
CA TRP A 18 6.58 -7.86 12.24
C TRP A 18 8.03 -8.31 12.55
N GLU A 19 9.02 -7.46 12.24
CA GLU A 19 10.42 -7.79 12.53
C GLU A 19 10.86 -7.09 13.83
N LYS A 20 11.24 -7.86 14.84
CA LYS A 20 11.73 -7.28 16.09
C LYS A 20 13.08 -6.69 15.81
N ASP A 21 13.31 -5.46 16.28
CA ASP A 21 14.55 -4.72 16.07
C ASP A 21 14.79 -4.39 14.59
N ALA A 22 13.76 -3.85 13.94
CA ALA A 22 13.87 -3.34 12.58
C ALA A 22 14.42 -1.89 12.70
N GLU A 23 14.89 -1.29 11.58
CA GLU A 23 15.39 0.09 11.60
C GLU A 23 14.19 1.04 11.93
N VAL A 24 14.35 1.92 12.92
CA VAL A 24 13.28 2.83 13.37
C VAL A 24 13.56 4.25 12.85
N THR A 25 12.72 4.76 11.91
CA THR A 25 12.95 6.09 11.34
C THR A 25 11.61 6.80 10.99
N GLY A 26 11.66 7.98 10.38
CA GLY A 26 10.48 8.73 10.00
C GLY A 26 9.90 9.50 11.17
N ASN A 27 9.32 10.66 10.89
CA ASN A 27 8.70 11.47 11.93
C ASN A 27 7.12 11.25 11.91
N SER A 28 6.34 12.04 12.70
CA SER A 28 4.86 11.89 12.81
C SER A 28 4.15 13.25 12.56
N PRO A 29 4.13 13.72 11.31
CA PRO A 29 3.53 15.03 11.03
C PRO A 29 2.00 15.07 11.15
N ARG A 30 1.45 16.11 11.78
CA ARG A 30 -0.01 16.27 11.86
C ARG A 30 -0.38 17.29 10.78
N LEU A 31 -1.05 16.84 9.70
CA LEU A 31 -1.34 17.70 8.57
C LEU A 31 -2.82 17.86 8.29
N ASP A 32 -3.22 19.04 7.82
CA ASP A 32 -4.62 19.27 7.43
C ASP A 32 -4.66 18.97 5.95
N VAL A 33 -5.43 17.95 5.53
CA VAL A 33 -5.45 17.58 4.11
C VAL A 33 -6.89 17.50 3.53
N ALA A 34 -6.97 17.59 2.19
CA ALA A 34 -8.21 17.47 1.41
C ALA A 34 -8.04 16.25 0.46
N LEU A 35 -9.11 15.54 0.17
CA LEU A 35 -9.09 14.39 -0.73
C LEU A 35 -10.10 14.70 -1.83
N ASP A 36 -9.66 14.70 -3.10
CA ASP A 36 -10.56 15.00 -4.21
C ASP A 36 -11.20 13.68 -4.77
N GLU A 37 -12.13 13.83 -5.74
CA GLU A 37 -12.84 12.73 -6.37
C GLU A 37 -11.88 11.79 -7.09
N SER A 38 -10.74 12.31 -7.61
CA SER A 38 -9.74 11.47 -8.29
C SER A 38 -8.81 10.71 -7.33
N GLY A 39 -9.02 10.81 -6.02
CA GLY A 39 -8.15 10.13 -5.06
C GLY A 39 -6.83 10.84 -4.78
N ASP A 40 -6.74 12.14 -5.11
CA ASP A 40 -5.54 12.91 -4.83
C ASP A 40 -5.64 13.68 -3.51
N PHE A 41 -4.63 13.48 -2.66
CA PHE A 41 -4.55 14.22 -1.41
C PHE A 41 -3.82 15.55 -1.68
N SER A 42 -4.26 16.60 -1.03
CA SER A 42 -3.59 17.91 -1.11
C SER A 42 -3.57 18.59 0.27
N LEU A 43 -2.64 19.53 0.50
CA LEU A 43 -2.52 20.24 1.77
C LEU A 43 -3.52 21.38 1.87
N VAL A 44 -4.21 21.50 3.00
CA VAL A 44 -5.15 22.60 3.23
C VAL A 44 -4.38 23.71 3.95
N GLU A 45 -4.36 24.92 3.41
CA GLU A 45 -3.64 26.02 4.07
C GLU A 45 -4.47 27.29 4.23
N GLY B 7 -2.09 -20.13 -10.58
CA GLY B 7 -0.81 -19.57 -10.15
C GLY B 7 -0.53 -19.64 -8.66
N GLU B 8 0.42 -18.81 -8.17
CA GLU B 8 0.75 -18.80 -6.76
C GLU B 8 -0.28 -17.97 -5.96
N THR B 9 -0.89 -18.61 -4.99
CA THR B 9 -1.91 -17.95 -4.17
C THR B 9 -1.55 -17.97 -2.69
N THR B 10 -0.27 -18.30 -2.33
CA THR B 10 0.15 -18.32 -0.92
C THR B 10 0.05 -16.90 -0.38
N ASP B 11 -0.42 -16.75 0.87
CA ASP B 11 -0.49 -15.44 1.54
C ASP B 11 0.92 -14.79 1.54
N GLY B 12 0.96 -13.47 1.58
CA GLY B 12 2.23 -12.76 1.59
C GLY B 12 2.24 -11.52 0.72
N VAL B 13 3.41 -10.89 0.61
CA VAL B 13 3.58 -9.67 -0.16
C VAL B 13 4.16 -10.02 -1.53
N TYR B 14 3.65 -9.36 -2.59
CA TYR B 14 4.07 -9.64 -3.96
C TYR B 14 4.43 -8.36 -4.67
N ARG B 15 5.33 -8.48 -5.66
CA ARG B 15 5.70 -7.37 -6.54
C ARG B 15 4.74 -7.38 -7.73
N VAL B 16 4.39 -6.20 -8.25
CA VAL B 16 3.56 -6.08 -9.44
C VAL B 16 4.47 -5.59 -10.56
N MET B 17 4.78 -6.48 -11.51
CA MET B 17 5.71 -6.24 -12.60
C MET B 17 5.01 -6.01 -13.95
N THR B 18 5.71 -5.43 -14.93
CA THR B 18 5.25 -5.30 -16.31
C THR B 18 6.42 -5.46 -17.31
N ARG B 19 6.18 -6.14 -18.44
CA ARG B 19 7.20 -6.25 -19.48
C ARG B 19 6.90 -5.33 -20.72
N ARG B 20 5.94 -4.42 -20.55
CA ARG B 20 5.49 -3.47 -21.58
C ARG B 20 6.55 -2.42 -21.89
N LEU B 21 7.28 -1.97 -20.87
CA LEU B 21 8.32 -0.97 -21.00
C LEU B 21 9.72 -1.64 -21.20
N LEU B 22 10.83 -0.90 -21.01
CA LEU B 22 12.19 -1.45 -21.15
C LEU B 22 12.44 -2.47 -20.01
N GLY B 23 12.97 -3.64 -20.33
CA GLY B 23 13.20 -4.73 -19.37
C GLY B 23 11.94 -5.12 -18.59
N SER B 24 12.11 -5.57 -17.34
CA SER B 24 10.97 -5.88 -16.48
C SER B 24 10.93 -4.78 -15.43
N THR B 25 9.81 -4.07 -15.35
CA THR B 25 9.66 -2.92 -14.48
C THR B 25 8.67 -3.17 -13.37
N GLN B 26 9.04 -2.81 -12.14
CA GLN B 26 8.15 -2.96 -11.01
C GLN B 26 7.28 -1.71 -10.92
N VAL B 27 5.96 -1.86 -11.11
CA VAL B 27 5.05 -0.72 -11.04
C VAL B 27 4.36 -0.58 -9.66
N GLY B 28 4.48 -1.59 -8.79
CA GLY B 28 3.86 -1.55 -7.47
C GLY B 28 3.99 -2.85 -6.73
N VAL B 29 3.27 -2.96 -5.61
CA VAL B 29 3.27 -4.08 -4.65
C VAL B 29 1.82 -4.40 -4.20
N GLY B 30 1.60 -5.59 -3.64
CA GLY B 30 0.31 -5.97 -3.11
C GLY B 30 0.37 -7.09 -2.10
N VAL B 31 -0.75 -7.35 -1.46
CA VAL B 31 -0.92 -8.34 -0.42
C VAL B 31 -1.85 -9.44 -0.88
N MET B 32 -1.43 -10.68 -0.74
CA MET B 32 -2.30 -11.82 -1.02
C MET B 32 -2.77 -12.30 0.37
N GLN B 33 -4.07 -12.36 0.59
CA GLN B 33 -4.66 -12.81 1.83
C GLN B 33 -6.00 -13.46 1.58
N GLU B 34 -6.22 -14.66 2.14
CA GLU B 34 -7.46 -15.40 1.98
C GLU B 34 -7.89 -15.57 0.47
N GLY B 35 -6.94 -15.81 -0.43
CA GLY B 35 -7.21 -16.00 -1.85
C GLY B 35 -7.46 -14.73 -2.65
N VAL B 36 -7.39 -13.55 -2.01
CA VAL B 36 -7.65 -12.26 -2.67
C VAL B 36 -6.35 -11.41 -2.74
N PHE B 37 -6.05 -10.79 -3.88
CA PHE B 37 -4.89 -9.92 -4.03
C PHE B 37 -5.34 -8.46 -3.90
N HIS B 38 -4.73 -7.72 -3.03
CA HIS B 38 -5.06 -6.33 -2.69
C HIS B 38 -3.94 -5.40 -3.11
N THR B 39 -4.25 -4.36 -3.88
CA THR B 39 -3.23 -3.37 -4.25
C THR B 39 -3.89 -1.95 -4.32
N MET B 40 -3.12 -0.93 -4.73
CA MET B 40 -3.65 0.41 -4.92
C MET B 40 -4.14 0.51 -6.37
N TRP B 41 -5.22 1.27 -6.61
N TRP B 41 -5.22 1.27 -6.60
N TRP B 41 -5.22 1.27 -6.61
N TRP B 41 -5.22 1.27 -6.60
CA TRP B 41 -5.78 1.43 -7.95
CA TRP B 41 -5.77 1.43 -7.94
CA TRP B 41 -5.78 1.43 -7.95
CA TRP B 41 -5.77 1.43 -7.94
C TRP B 41 -4.78 2.04 -8.92
C TRP B 41 -4.77 2.04 -8.92
C TRP B 41 -4.78 2.04 -8.92
C TRP B 41 -4.77 2.04 -8.92
N HIS B 42 -4.03 3.06 -8.51
CA HIS B 42 -3.05 3.70 -9.43
C HIS B 42 -1.89 2.77 -9.91
N VAL B 43 -1.68 1.61 -9.25
CA VAL B 43 -0.66 0.65 -9.68
C VAL B 43 -1.12 -0.11 -10.97
N THR B 44 -2.34 -0.67 -10.95
CA THR B 44 -2.81 -1.50 -12.08
C THR B 44 -3.81 -0.83 -13.02
N LYS B 45 -4.44 0.28 -12.55
CA LYS B 45 -5.57 0.97 -13.21
C LYS B 45 -6.74 -0.02 -13.46
N GLY B 46 -6.87 -1.04 -12.62
CA GLY B 46 -7.93 -2.02 -12.75
C GLY B 46 -7.69 -3.09 -13.80
N ALA B 47 -6.50 -3.15 -14.41
CA ALA B 47 -6.22 -4.18 -15.43
C ALA B 47 -6.07 -5.58 -14.83
N ALA B 48 -6.28 -6.64 -15.63
CA ALA B 48 -6.11 -8.03 -15.20
C ALA B 48 -4.66 -8.30 -14.84
N LEU B 49 -4.43 -9.27 -13.95
CA LEU B 49 -3.07 -9.63 -13.56
C LEU B 49 -2.78 -11.10 -13.88
N ARG B 50 -1.52 -11.42 -14.00
CA ARG B 50 -1.07 -12.77 -14.29
C ARG B 50 -0.28 -13.32 -13.09
N SER B 51 -0.42 -14.61 -12.78
CA SER B 51 0.36 -15.23 -11.71
C SER B 51 0.79 -16.57 -12.28
N GLY B 52 1.95 -16.60 -12.93
CA GLY B 52 2.42 -17.79 -13.62
C GLY B 52 1.56 -18.00 -14.85
N GLU B 53 0.86 -19.14 -14.92
CA GLU B 53 -0.09 -19.40 -16.01
C GLU B 53 -1.55 -18.99 -15.66
N GLY B 54 -1.82 -18.68 -14.38
CA GLY B 54 -3.15 -18.28 -13.93
C GLY B 54 -3.47 -16.81 -14.13
N ARG B 55 -4.76 -16.48 -14.16
CA ARG B 55 -5.20 -15.12 -14.36
C ARG B 55 -5.98 -14.62 -13.13
N LEU B 56 -5.77 -13.36 -12.74
CA LEU B 56 -6.48 -12.73 -11.62
C LEU B 56 -7.29 -11.61 -12.22
N ASP B 57 -8.61 -11.62 -12.02
CA ASP B 57 -9.47 -10.56 -12.53
C ASP B 57 -9.88 -9.62 -11.41
N PRO B 58 -10.02 -8.32 -11.71
CA PRO B 58 -10.50 -7.39 -10.67
C PRO B 58 -11.90 -7.77 -10.19
N TYR B 59 -12.15 -7.53 -8.91
CA TYR B 59 -13.40 -7.87 -8.27
C TYR B 59 -14.05 -6.61 -7.70
N TRP B 60 -13.28 -5.76 -7.10
CA TRP B 60 -13.80 -4.50 -6.53
C TRP B 60 -12.72 -3.46 -6.68
N GLY B 61 -13.14 -2.21 -6.86
CA GLY B 61 -12.19 -1.12 -6.91
C GLY B 61 -12.87 0.23 -6.77
N ASP B 62 -12.11 1.23 -6.39
CA ASP B 62 -12.61 2.58 -6.15
C ASP B 62 -11.44 3.53 -6.30
N VAL B 63 -11.50 4.41 -7.31
CA VAL B 63 -10.47 5.43 -7.60
C VAL B 63 -10.27 6.42 -6.44
N LYS B 64 -11.35 6.80 -5.73
CA LYS B 64 -11.21 7.80 -4.66
C LYS B 64 -10.45 7.24 -3.43
N GLN B 65 -10.80 6.04 -2.97
CA GLN B 65 -10.06 5.30 -1.95
C GLN B 65 -8.65 4.89 -2.45
N ASP B 66 -8.49 4.77 -3.77
CA ASP B 66 -7.31 4.39 -4.50
C ASP B 66 -6.99 2.95 -4.13
N LEU B 67 -7.99 2.04 -4.13
CA LEU B 67 -7.79 0.62 -3.80
C LEU B 67 -8.47 -0.31 -4.84
N VAL B 68 -7.93 -1.54 -5.00
CA VAL B 68 -8.52 -2.56 -5.88
C VAL B 68 -8.25 -3.96 -5.26
N SER B 69 -9.20 -4.90 -5.42
CA SER B 69 -9.01 -6.30 -4.98
C SER B 69 -9.28 -7.21 -6.20
N TYR B 70 -8.60 -8.37 -6.24
CA TYR B 70 -8.68 -9.37 -7.32
C TYR B 70 -9.12 -10.73 -6.72
N CYS B 71 -10.03 -11.49 -7.43
CA CYS B 71 -10.51 -12.84 -7.06
C CYS B 71 -11.55 -12.88 -5.93
N GLY B 72 -11.83 -11.75 -5.33
CA GLY B 72 -12.79 -11.67 -4.24
C GLY B 72 -12.81 -10.30 -3.60
N PRO B 73 -13.68 -10.14 -2.61
CA PRO B 73 -13.86 -8.83 -1.97
C PRO B 73 -12.71 -8.44 -1.04
N TRP B 74 -12.55 -7.14 -0.72
CA TRP B 74 -11.49 -6.65 0.18
C TRP B 74 -11.52 -7.41 1.52
N LYS B 75 -10.37 -7.97 1.97
CA LYS B 75 -10.33 -8.81 3.20
C LYS B 75 -9.63 -8.14 4.37
N LEU B 76 -8.78 -7.13 4.12
CA LEU B 76 -8.00 -6.45 5.16
C LEU B 76 -8.86 -5.46 5.94
N ASP B 77 -9.00 -5.67 7.26
CA ASP B 77 -9.83 -4.79 8.08
C ASP B 77 -9.16 -4.33 9.38
N ALA B 78 -7.90 -4.72 9.65
CA ALA B 78 -7.21 -4.21 10.83
C ALA B 78 -7.00 -2.67 10.68
N ALA B 79 -7.00 -1.98 11.83
CA ALA B 79 -6.89 -0.54 11.89
C ALA B 79 -5.76 -0.13 12.84
N TRP B 80 -5.09 1.00 12.54
CA TRP B 80 -4.08 1.58 13.42
C TRP B 80 -4.79 1.99 14.72
N ASP B 81 -4.17 1.72 15.88
CA ASP B 81 -4.76 2.07 17.17
C ASP B 81 -4.63 3.56 17.54
N GLY B 82 -3.95 4.35 16.72
CA GLY B 82 -3.78 5.78 16.98
C GLY B 82 -2.69 6.11 17.99
N LEU B 83 -2.03 5.10 18.57
CA LEU B 83 -1.01 5.31 19.60
C LEU B 83 0.37 4.64 19.32
N SER B 84 0.35 3.43 18.77
CA SER B 84 1.57 2.64 18.63
C SER B 84 2.34 2.80 17.34
N GLU B 85 3.65 2.46 17.40
CA GLU B 85 4.49 2.42 16.21
C GLU B 85 3.99 1.24 15.33
N VAL B 86 4.23 1.35 14.03
CA VAL B 86 3.83 0.34 13.06
C VAL B 86 5.06 0.01 12.19
N GLN B 87 4.94 -0.94 11.25
CA GLN B 87 6.01 -1.23 10.32
C GLN B 87 5.55 -1.16 8.87
N LEU B 88 6.30 -0.45 8.04
CA LEU B 88 6.11 -0.48 6.61
C LEU B 88 6.96 -1.67 6.15
N LEU B 89 6.33 -2.62 5.46
CA LEU B 89 7.05 -3.75 4.90
C LEU B 89 7.32 -3.32 3.48
N ALA B 90 8.36 -2.46 3.32
CA ALA B 90 8.68 -1.92 2.00
C ALA B 90 9.26 -2.96 1.04
N VAL B 91 8.73 -3.00 -0.19
CA VAL B 91 9.24 -3.89 -1.24
C VAL B 91 9.72 -3.00 -2.43
N PRO B 92 10.95 -2.42 -2.35
CA PRO B 92 11.41 -1.51 -3.43
C PRO B 92 11.82 -2.20 -4.72
N PRO B 93 11.72 -1.50 -5.86
CA PRO B 93 12.14 -2.11 -7.14
C PRO B 93 13.57 -2.69 -7.18
N GLY B 94 13.71 -4.00 -7.39
CA GLY B 94 15.02 -4.65 -7.48
C GLY B 94 15.77 -4.83 -6.17
N GLU B 95 15.10 -4.56 -5.06
CA GLU B 95 15.71 -4.69 -3.73
C GLU B 95 14.83 -5.61 -2.88
N ARG B 96 15.45 -6.24 -1.89
CA ARG B 96 14.80 -7.17 -0.99
C ARG B 96 13.77 -6.50 -0.10
N ALA B 97 12.72 -7.26 0.30
CA ALA B 97 11.70 -6.78 1.26
C ALA B 97 12.39 -6.35 2.57
N LYS B 98 12.00 -5.20 3.11
CA LYS B 98 12.61 -4.65 4.32
C LYS B 98 11.55 -4.02 5.21
N ASN B 99 11.61 -4.25 6.55
CA ASN B 99 10.66 -3.69 7.50
C ASN B 99 11.26 -2.43 8.06
N ILE B 100 10.49 -1.33 8.06
CA ILE B 100 10.90 -0.05 8.59
C ILE B 100 9.86 0.33 9.62
N GLN B 101 10.32 0.59 10.84
CA GLN B 101 9.43 0.93 11.93
C GLN B 101 9.33 2.44 12.10
N THR B 102 8.12 2.94 12.36
CA THR B 102 7.85 4.37 12.50
C THR B 102 6.63 4.63 13.34
N LEU B 103 6.50 5.84 13.89
CA LEU B 103 5.29 6.22 14.60
C LEU B 103 4.51 7.09 13.60
N PRO B 104 3.31 6.66 13.20
CA PRO B 104 2.57 7.45 12.22
C PRO B 104 2.13 8.80 12.76
N GLY B 105 2.11 9.78 11.87
CA GLY B 105 1.48 11.06 12.07
C GLY B 105 -0.01 10.97 11.73
N ILE B 106 -0.66 12.11 11.48
CA ILE B 106 -2.09 12.18 11.18
C ILE B 106 -2.44 13.03 9.95
N PHE B 107 -3.34 12.54 9.09
CA PHE B 107 -3.94 13.35 8.02
C PHE B 107 -5.30 13.75 8.62
N LYS B 108 -5.53 15.03 8.89
CA LYS B 108 -6.82 15.53 9.39
C LYS B 108 -7.66 15.98 8.19
N THR B 109 -8.82 15.36 7.95
CA THR B 109 -9.68 15.74 6.82
C THR B 109 -11.07 16.21 7.32
N LYS B 110 -11.92 16.75 6.42
CA LYS B 110 -13.28 17.14 6.80
C LYS B 110 -14.13 15.92 7.20
N ASP B 111 -13.76 14.71 6.73
CA ASP B 111 -14.47 13.48 7.01
C ASP B 111 -13.76 12.58 8.04
N GLY B 112 -12.91 13.16 8.89
CA GLY B 112 -12.19 12.39 9.90
C GLY B 112 -10.68 12.26 9.70
N ASP B 113 -10.01 11.73 10.73
CA ASP B 113 -8.55 11.53 10.78
C ASP B 113 -8.09 10.18 10.22
N ILE B 114 -6.95 10.20 9.55
CA ILE B 114 -6.32 9.02 8.95
C ILE B 114 -4.85 8.98 9.38
N GLY B 115 -4.34 7.82 9.73
CA GLY B 115 -2.93 7.66 10.05
C GLY B 115 -2.07 7.93 8.82
N ALA B 116 -0.85 8.42 9.02
CA ALA B 116 0.05 8.73 7.91
C ALA B 116 1.50 8.35 8.23
N VAL B 117 2.25 7.87 7.24
CA VAL B 117 3.63 7.43 7.43
C VAL B 117 4.61 8.33 6.68
N ALA B 118 5.54 8.99 7.41
CA ALA B 118 6.47 9.91 6.76
C ALA B 118 7.70 9.17 6.29
N LEU B 119 7.59 8.40 5.21
CA LEU B 119 8.70 7.62 4.66
C LEU B 119 8.68 7.76 3.13
N ASP B 120 9.84 8.01 2.50
CA ASP B 120 9.89 8.20 1.05
C ASP B 120 10.57 7.05 0.31
N TYR B 121 9.84 6.41 -0.60
CA TYR B 121 10.35 5.30 -1.40
C TYR B 121 10.07 5.50 -2.90
N PRO B 122 10.76 4.77 -3.83
CA PRO B 122 10.46 4.93 -5.26
C PRO B 122 8.99 4.61 -5.60
N ALA B 123 8.44 5.24 -6.66
CA ALA B 123 7.06 5.08 -7.10
C ALA B 123 6.54 3.61 -7.12
N GLY B 124 7.36 2.69 -7.65
CA GLY B 124 7.03 1.28 -7.73
C GLY B 124 6.92 0.54 -6.40
N THR B 125 7.01 1.28 -5.28
CA THR B 125 6.85 0.72 -3.92
C THR B 125 5.35 0.84 -3.45
N SER B 126 4.50 1.62 -4.16
CA SER B 126 3.05 1.77 -3.81
C SER B 126 2.35 0.40 -3.70
N GLY B 127 1.55 0.18 -2.66
CA GLY B 127 0.90 -1.10 -2.39
C GLY B 127 1.58 -1.91 -1.29
N SER B 128 2.81 -1.50 -0.85
CA SER B 128 3.53 -2.16 0.25
C SER B 128 2.67 -2.08 1.52
N PRO B 129 2.50 -3.21 2.23
CA PRO B 129 1.65 -3.19 3.42
C PRO B 129 2.28 -2.55 4.67
N ILE B 130 1.42 -1.87 5.42
CA ILE B 130 1.75 -1.28 6.70
C ILE B 130 1.12 -2.23 7.74
N LEU B 131 1.93 -2.71 8.73
CA LEU B 131 1.51 -3.71 9.71
C LEU B 131 1.51 -3.22 11.15
N ASP B 132 0.66 -3.82 11.98
CA ASP B 132 0.72 -3.57 13.42
C ASP B 132 1.65 -4.64 14.06
N LYS B 133 1.87 -4.53 15.40
CA LYS B 133 2.74 -5.46 16.12
C LYS B 133 2.29 -6.92 16.06
N CYS B 134 1.04 -7.18 15.62
CA CYS B 134 0.54 -8.56 15.46
C CYS B 134 0.77 -9.14 14.06
N GLY B 135 1.34 -8.36 13.15
CA GLY B 135 1.54 -8.81 11.76
C GLY B 135 0.32 -8.57 10.88
N ARG B 136 -0.74 -7.93 11.42
CA ARG B 136 -1.94 -7.64 10.64
C ARG B 136 -1.78 -6.38 9.78
N VAL B 137 -2.22 -6.47 8.52
CA VAL B 137 -2.11 -5.36 7.60
C VAL B 137 -3.16 -4.30 7.90
N ILE B 138 -2.74 -3.14 8.39
CA ILE B 138 -3.66 -2.04 8.73
C ILE B 138 -3.87 -1.05 7.58
N GLY B 139 -3.23 -1.27 6.44
CA GLY B 139 -3.36 -0.42 5.28
C GLY B 139 -2.23 -0.59 4.30
N LEU B 140 -2.33 0.10 3.16
CA LEU B 140 -1.30 0.07 2.11
C LEU B 140 -0.68 1.47 1.95
N TYR B 141 0.61 1.44 1.58
CA TYR B 141 1.45 2.61 1.42
C TYR B 141 1.48 3.02 -0.02
N GLY B 142 1.46 4.32 -0.30
CA GLY B 142 1.56 4.77 -1.68
C GLY B 142 0.65 5.89 -2.17
N ASN B 143 -0.30 6.37 -1.34
CA ASN B 143 -1.12 7.51 -1.74
C ASN B 143 -1.03 8.56 -0.64
N GLY B 144 -0.49 9.71 -0.98
CA GLY B 144 -0.31 10.77 0.01
C GLY B 144 -0.04 12.11 -0.61
N VAL B 145 0.88 12.87 0.01
CA VAL B 145 1.15 14.24 -0.39
C VAL B 145 2.63 14.64 -0.19
N VAL B 146 3.07 15.69 -0.89
CA VAL B 146 4.41 16.22 -0.77
C VAL B 146 4.30 17.48 0.07
N ILE B 147 4.90 17.49 1.27
CA ILE B 147 4.80 18.60 2.22
C ILE B 147 5.82 19.73 1.96
N LYS B 148 5.69 20.87 2.65
CA LYS B 148 6.52 22.08 2.50
C LYS B 148 7.99 21.86 2.11
N ASN B 149 8.75 21.02 2.85
CA ASN B 149 10.18 20.81 2.56
C ASN B 149 10.47 19.87 1.37
N GLY B 150 9.46 19.55 0.58
CA GLY B 150 9.60 18.66 -0.56
C GLY B 150 9.56 17.18 -0.21
N SER B 151 9.33 16.84 1.09
CA SER B 151 9.29 15.43 1.48
C SER B 151 7.91 14.77 1.26
N TYR B 152 7.90 13.44 1.11
CA TYR B 152 6.68 12.65 0.89
C TYR B 152 6.07 12.04 2.16
N VAL B 153 4.73 12.13 2.30
CA VAL B 153 4.00 11.55 3.42
C VAL B 153 2.80 10.75 2.87
N SER B 154 2.76 9.43 3.13
CA SER B 154 1.67 8.58 2.63
C SER B 154 0.58 8.40 3.64
N ALA B 155 -0.68 8.28 3.20
CA ALA B 155 -1.76 7.90 4.09
C ALA B 155 -1.57 6.40 4.40
N ILE B 156 -2.17 5.95 5.50
CA ILE B 156 -2.27 4.54 5.80
C ILE B 156 -3.66 4.20 5.20
N THR B 157 -3.70 3.74 3.94
CA THR B 157 -4.99 3.51 3.26
C THR B 157 -5.57 2.11 3.51
N GLN B 158 -6.72 2.04 4.19
CA GLN B 158 -7.39 0.78 4.47
C GLN B 158 -8.79 0.72 3.79
N GLY B 159 -9.14 -0.45 3.26
CA GLY B 159 -10.45 -0.69 2.63
C GLY B 159 -11.46 -1.12 3.67
N LYS B 160 -12.67 -1.46 3.20
CA LYS B 160 -13.76 -1.91 4.07
C LYS B 160 -14.00 -3.40 3.80
N ARG B 161 -14.14 -4.21 4.85
CA ARG B 161 -14.42 -5.63 4.67
C ARG B 161 -15.94 -5.81 4.82
N GLU B 162 -16.66 -6.05 3.71
CA GLU B 162 -18.13 -6.24 3.67
C GLU B 162 -18.55 -7.40 4.57
S DMS C . -3.39 8.34 -7.35
O DMS C . -4.26 9.27 -6.57
C1 DMS C . -2.99 9.11 -8.94
C2 DMS C . -1.68 8.42 -6.67
S DMS D . -7.89 -1.21 -17.99
O DMS D . -8.67 -1.78 -16.85
C1 DMS D . -7.09 -2.54 -18.91
C2 DMS D . -6.29 -0.55 -17.42
N1 GWP E . 5.15 8.30 -4.64
C4 GWP E . 6.16 6.85 -2.96
C5 GWP E . 5.83 5.54 -3.63
C6 GWP E . 4.89 6.11 -2.65
O GWP E . 7.84 11.90 -3.94
C GWP E . 6.75 11.50 -4.42
N GWP E . 5.80 12.33 -4.85
C1 GWP E . 6.47 10.04 -4.55
N2 GWP E . 6.95 9.12 -3.63
C3 GWP E . 6.13 8.10 -3.72
C2 GWP E . 5.36 9.54 -5.16
#